data_5RZV
#
_entry.id   5RZV
#
_cell.length_a   38.580
_cell.length_b   77.510
_cell.length_c   99.630
_cell.angle_alpha   90.000
_cell.angle_beta   90.000
_cell.angle_gamma   90.000
#
_symmetry.space_group_name_H-M   'P 21 21 21'
#
loop_
_entity.id
_entity.type
_entity.pdbx_description
1 polymer 'Isoform 2 of Band 4.1-like protein 3'
2 non-polymer 2-methoxy-N-phenylacetamide
3 non-polymer 'DIMETHYL SULFOXIDE'
4 non-polymer 1,2-ETHANEDIOL
5 water water
#
_entity_poly.entity_id   1
_entity_poly.type   'polypeptide(L)'
_entity_poly.pdbx_seq_one_letter_code
;SMPKSMQCKVILLDGSEYTCDVEKRSRGQVLFDKVCEHLNLLEKDYFGLTYRDAENQKNWLDPAKEIKKQVRSGAWHFSF
NVKFYPPDPAQLSEDITRYYLCLQLRDDIVSGRLPCSFVTLALLGSYTVQSELGDYDPDECGSDYISEFRFAPNHTKELE
DKVIELHKSHRGMTPAEAEMHFLENAKKLSMYGVDLHHAKDSEGVEIMLGVCASGLLIYRDRLRINRFAWPKVLKISYKR
NNFYIKIRPGEFEQFESTIGFKLPNHRAAKRLWKVCVEHHTFFRLL
;
_entity_poly.pdbx_strand_id   A
#
# COMPACT_ATOMS: atom_id res chain seq x y z
N PRO A 3 33.14 -9.12 -12.73
CA PRO A 3 31.85 -9.32 -12.07
C PRO A 3 30.74 -8.43 -12.68
N LYS A 4 29.85 -9.01 -13.48
CA LYS A 4 28.94 -8.22 -14.34
C LYS A 4 27.76 -7.67 -13.54
N SER A 5 27.48 -6.37 -13.69
N SER A 5 27.54 -6.37 -13.66
CA SER A 5 26.45 -5.63 -12.91
CA SER A 5 26.47 -5.59 -12.98
C SER A 5 25.37 -5.08 -13.85
C SER A 5 25.31 -5.34 -13.94
N MET A 6 24.11 -5.13 -13.39
CA MET A 6 22.92 -4.65 -14.16
C MET A 6 22.48 -3.32 -13.55
N GLN A 7 22.13 -2.35 -14.39
CA GLN A 7 21.58 -1.07 -13.96
C GLN A 7 20.14 -1.25 -13.47
N CYS A 8 19.81 -0.75 -12.29
CA CYS A 8 18.45 -0.78 -11.72
C CYS A 8 17.91 0.63 -11.64
N LYS A 9 16.65 0.83 -12.03
CA LYS A 9 15.95 2.14 -11.92
C LYS A 9 14.75 1.96 -10.98
N VAL A 10 14.73 2.75 -9.92
CA VAL A 10 13.67 2.64 -8.87
C VAL A 10 12.93 3.95 -8.80
N ILE A 11 11.61 3.93 -9.01
CA ILE A 11 10.70 5.09 -8.79
C ILE A 11 10.45 5.20 -7.29
N LEU A 12 10.89 6.30 -6.70
CA LEU A 12 10.75 6.59 -5.25
C LEU A 12 9.38 7.23 -4.98
N LEU A 13 8.97 7.26 -3.72
CA LEU A 13 7.59 7.67 -3.41
C LEU A 13 7.37 9.16 -3.67
N ASP A 14 8.44 9.96 -3.78
CA ASP A 14 8.29 11.40 -4.18
C ASP A 14 8.23 11.54 -5.71
N GLY A 15 8.22 10.43 -6.45
CA GLY A 15 8.12 10.43 -7.93
C GLY A 15 9.48 10.55 -8.61
N SER A 16 10.56 10.72 -7.86
CA SER A 16 11.94 10.79 -8.43
C SER A 16 12.45 9.37 -8.69
N GLU A 17 13.56 9.29 -9.43
CA GLU A 17 14.20 8.05 -9.94
C GLU A 17 15.55 7.86 -9.25
N TYR A 18 15.76 6.72 -8.59
CA TYR A 18 17.09 6.32 -8.10
C TYR A 18 17.64 5.25 -9.05
N THR A 19 18.89 5.43 -9.50
CA THR A 19 19.65 4.51 -10.37
C THR A 19 20.79 3.93 -9.55
N CYS A 20 20.98 2.63 -9.60
CA CYS A 20 22.18 1.97 -9.02
C CYS A 20 22.47 0.71 -9.83
N ASP A 21 23.53 0.01 -9.46
CA ASP A 21 23.98 -1.20 -10.17
C ASP A 21 24.09 -2.30 -9.12
N VAL A 22 23.75 -3.51 -9.50
CA VAL A 22 23.96 -4.70 -8.65
C VAL A 22 24.52 -5.80 -9.54
N GLU A 23 25.26 -6.74 -8.97
CA GLU A 23 25.77 -7.93 -9.69
C GLU A 23 24.52 -8.64 -10.28
N LYS A 24 24.62 -9.17 -11.50
CA LYS A 24 23.41 -9.63 -12.25
C LYS A 24 22.74 -10.82 -11.55
N ARG A 25 23.45 -11.59 -10.71
CA ARG A 25 22.89 -12.75 -9.96
C ARG A 25 22.40 -12.31 -8.55
N SER A 26 22.35 -11.03 -8.28
CA SER A 26 21.92 -10.47 -6.98
C SER A 26 20.50 -10.90 -6.61
N ARG A 27 20.30 -11.14 -5.31
CA ARG A 27 18.98 -11.33 -4.66
C ARG A 27 18.33 -9.96 -4.50
N GLY A 28 17.00 -9.92 -4.42
CA GLY A 28 16.26 -8.65 -4.29
C GLY A 28 16.71 -7.88 -3.08
N GLN A 29 17.08 -8.57 -1.98
CA GLN A 29 17.49 -7.86 -0.74
C GLN A 29 18.64 -6.90 -1.03
N VAL A 30 19.55 -7.28 -1.93
CA VAL A 30 20.75 -6.44 -2.25
C VAL A 30 20.25 -5.07 -2.72
N LEU A 31 19.37 -5.02 -3.73
CA LEU A 31 18.86 -3.74 -4.28
C LEU A 31 18.04 -3.01 -3.21
N PHE A 32 17.15 -3.72 -2.54
CA PHE A 32 16.31 -3.11 -1.49
C PHE A 32 17.20 -2.39 -0.45
N ASP A 33 18.28 -3.03 0.02
CA ASP A 33 19.21 -2.45 1.03
C ASP A 33 19.78 -1.14 0.47
N LYS A 34 20.26 -1.15 -0.78
CA LYS A 34 20.75 0.09 -1.45
C LYS A 34 19.67 1.19 -1.45
N VAL A 35 18.42 0.87 -1.78
CA VAL A 35 17.37 1.93 -1.88
C VAL A 35 17.10 2.47 -0.47
N CYS A 36 16.98 1.59 0.52
CA CYS A 36 16.69 1.99 1.91
C CYS A 36 17.83 2.86 2.47
N GLU A 37 19.08 2.53 2.15
CA GLU A 37 20.25 3.36 2.59
C GLU A 37 20.12 4.73 1.95
N HIS A 38 19.87 4.80 0.65
CA HIS A 38 19.64 6.06 -0.08
C HIS A 38 18.55 6.85 0.63
N LEU A 39 17.51 6.18 1.14
CA LEU A 39 16.35 6.88 1.72
C LEU A 39 16.58 7.18 3.21
N ASN A 40 17.70 6.71 3.81
CA ASN A 40 17.98 6.84 5.27
C ASN A 40 16.84 6.17 6.06
N LEU A 41 16.36 5.04 5.54
CA LEU A 41 15.21 4.31 6.12
C LEU A 41 15.76 3.13 6.92
N LEU A 42 15.43 3.09 8.21
CA LEU A 42 15.85 2.00 9.13
C LEU A 42 14.71 1.02 9.36
N GLU A 43 13.47 1.50 9.46
CA GLU A 43 12.33 0.60 9.73
C GLU A 43 11.91 0.02 8.38
N LYS A 44 12.75 -0.84 7.81
CA LYS A 44 12.61 -1.33 6.41
C LYS A 44 11.49 -2.39 6.28
N ASP A 45 11.10 -3.07 7.36
CA ASP A 45 10.16 -4.23 7.37
C ASP A 45 8.80 -3.92 6.71
N TYR A 46 8.34 -2.67 6.75
CA TYR A 46 7.02 -2.27 6.21
C TYR A 46 7.06 -2.11 4.69
N PHE A 47 8.24 -2.12 4.07
CA PHE A 47 8.42 -1.67 2.66
C PHE A 47 8.96 -2.81 1.79
N GLY A 48 8.89 -2.59 0.49
CA GLY A 48 9.38 -3.52 -0.52
C GLY A 48 9.48 -2.81 -1.85
N LEU A 49 9.93 -3.56 -2.83
CA LEU A 49 10.04 -3.11 -4.24
C LEU A 49 9.05 -3.90 -5.05
N THR A 50 8.39 -3.21 -5.96
CA THR A 50 7.48 -3.83 -6.92
C THR A 50 8.12 -3.73 -8.28
N TYR A 51 7.69 -4.60 -9.20
CA TYR A 51 8.05 -4.56 -10.64
C TYR A 51 6.83 -4.98 -11.45
N ARG A 52 6.63 -4.36 -12.61
CA ARG A 52 5.53 -4.66 -13.58
C ARG A 52 5.94 -5.85 -14.45
N ASP A 53 5.20 -6.94 -14.33
CA ASP A 53 5.49 -8.26 -14.95
C ASP A 53 5.19 -8.21 -16.46
N ALA A 54 5.51 -9.30 -17.15
CA ALA A 54 5.16 -9.53 -18.57
C ALA A 54 3.73 -9.03 -18.80
N GLU A 55 2.77 -9.67 -18.14
CA GLU A 55 1.31 -9.38 -18.27
C GLU A 55 1.03 -7.92 -17.87
N ASN A 56 1.98 -7.29 -17.17
CA ASN A 56 1.96 -5.83 -16.83
C ASN A 56 1.34 -5.59 -15.44
N GLN A 57 1.27 -6.62 -14.61
CA GLN A 57 0.71 -6.54 -13.23
C GLN A 57 1.82 -6.13 -12.26
N LYS A 58 1.46 -5.62 -11.09
CA LYS A 58 2.40 -5.35 -9.97
C LYS A 58 2.72 -6.68 -9.27
N ASN A 59 4.00 -6.97 -9.11
CA ASN A 59 4.51 -8.11 -8.30
C ASN A 59 5.50 -7.56 -7.28
N TRP A 60 5.49 -8.10 -6.07
CA TRP A 60 6.52 -7.79 -5.05
C TRP A 60 7.80 -8.50 -5.46
N LEU A 61 8.92 -7.79 -5.48
CA LEU A 61 10.26 -8.39 -5.67
C LEU A 61 10.59 -9.17 -4.40
N ASP A 62 10.76 -10.49 -4.52
CA ASP A 62 11.07 -11.33 -3.35
C ASP A 62 12.52 -11.08 -2.98
N PRO A 63 12.80 -10.57 -1.77
CA PRO A 63 14.16 -10.21 -1.39
C PRO A 63 15.09 -11.42 -1.30
N ALA A 64 14.52 -12.60 -1.13
CA ALA A 64 15.25 -13.87 -0.93
C ALA A 64 15.63 -14.52 -2.27
N LYS A 65 15.04 -14.09 -3.39
CA LYS A 65 15.25 -14.75 -4.70
C LYS A 65 16.08 -13.86 -5.64
N GLU A 66 16.70 -14.46 -6.64
CA GLU A 66 17.47 -13.67 -7.63
C GLU A 66 16.52 -12.67 -8.32
N ILE A 67 17.00 -11.46 -8.53
CA ILE A 67 16.24 -10.42 -9.27
C ILE A 67 15.94 -10.93 -10.69
N LYS A 68 16.95 -11.48 -11.37
CA LYS A 68 16.79 -11.89 -12.79
C LYS A 68 15.72 -12.98 -12.89
N LYS A 69 15.53 -13.84 -11.89
CA LYS A 69 14.54 -14.95 -11.98
C LYS A 69 13.12 -14.46 -11.70
N GLN A 70 12.98 -13.18 -11.33
CA GLN A 70 11.66 -12.55 -11.11
C GLN A 70 11.34 -11.64 -12.30
N VAL A 71 12.22 -10.71 -12.65
CA VAL A 71 11.95 -9.72 -13.74
C VAL A 71 12.02 -10.47 -15.09
N ARG A 72 12.75 -11.58 -15.12
CA ARG A 72 12.83 -12.56 -16.25
C ARG A 72 13.14 -11.80 -17.53
N SER A 73 12.16 -11.57 -18.39
CA SER A 73 12.40 -10.96 -19.72
C SER A 73 12.31 -9.43 -19.61
N GLY A 74 11.75 -8.90 -18.51
CA GLY A 74 11.43 -7.47 -18.35
C GLY A 74 12.64 -6.61 -17.97
N ALA A 75 12.44 -5.31 -18.04
CA ALA A 75 13.43 -4.27 -17.65
C ALA A 75 13.67 -4.38 -16.16
N TRP A 76 14.84 -3.93 -15.71
CA TRP A 76 15.16 -3.87 -14.26
C TRP A 76 14.68 -2.52 -13.73
N HIS A 77 13.37 -2.34 -13.78
CA HIS A 77 12.67 -1.12 -13.35
C HIS A 77 11.73 -1.52 -12.20
N PHE A 78 11.74 -0.73 -11.14
CA PHE A 78 11.03 -1.08 -9.89
C PHE A 78 10.38 0.17 -9.34
N SER A 79 9.47 -0.01 -8.39
CA SER A 79 8.97 1.08 -7.54
C SER A 79 9.24 0.73 -6.09
N PHE A 80 9.47 1.75 -5.27
CA PHE A 80 9.60 1.60 -3.81
C PHE A 80 8.24 1.85 -3.19
N ASN A 81 7.73 0.89 -2.39
CA ASN A 81 6.34 0.96 -1.90
C ASN A 81 6.21 0.44 -0.47
N VAL A 82 5.14 0.88 0.16
CA VAL A 82 4.69 0.26 1.44
C VAL A 82 4.10 -1.10 1.12
N LYS A 83 4.61 -2.13 1.79
CA LYS A 83 4.14 -3.53 1.62
C LYS A 83 3.17 -3.85 2.75
N PHE A 84 3.53 -3.53 3.99
CA PHE A 84 2.67 -3.80 5.18
C PHE A 84 2.28 -2.47 5.82
N TYR A 85 1.00 -2.05 5.70
CA TYR A 85 0.54 -0.75 6.26
C TYR A 85 0.33 -0.93 7.75
N PRO A 86 1.08 -0.24 8.62
CA PRO A 86 0.91 -0.43 10.08
C PRO A 86 -0.46 0.03 10.57
N PRO A 87 -1.19 -0.79 11.35
CA PRO A 87 -2.47 -0.37 11.89
C PRO A 87 -2.36 0.89 12.77
N ASP A 88 -1.24 1.04 13.46
CA ASP A 88 -1.06 2.20 14.35
C ASP A 88 0.29 2.84 14.05
N PRO A 89 0.33 3.78 13.08
CA PRO A 89 1.58 4.40 12.67
C PRO A 89 2.27 5.15 13.80
N ALA A 90 1.53 5.59 14.82
CA ALA A 90 2.12 6.27 16.01
C ALA A 90 3.15 5.37 16.67
N GLN A 91 3.05 4.06 16.49
CA GLN A 91 3.96 3.10 17.19
C GLN A 91 5.22 2.89 16.37
N LEU A 92 5.34 3.43 15.15
CA LEU A 92 6.62 3.36 14.42
C LEU A 92 7.67 4.17 15.18
N SER A 93 8.92 3.75 15.14
CA SER A 93 9.97 4.36 16.00
C SER A 93 10.45 5.69 15.38
N GLU A 94 10.38 5.87 14.05
CA GLU A 94 11.02 7.05 13.42
C GLU A 94 10.00 7.86 12.63
N ASP A 95 10.17 9.18 12.67
CA ASP A 95 9.40 10.13 11.88
C ASP A 95 9.63 9.85 10.38
N ILE A 96 10.83 9.46 9.97
CA ILE A 96 11.10 9.30 8.51
C ILE A 96 10.28 8.13 7.99
N THR A 97 10.05 7.11 8.81
CA THR A 97 9.17 5.99 8.44
C THR A 97 7.78 6.53 8.18
N ARG A 98 7.27 7.36 9.10
CA ARG A 98 5.89 7.89 8.98
C ARG A 98 5.82 8.79 7.73
N TYR A 99 6.90 9.50 7.43
CA TYR A 99 7.02 10.33 6.21
C TYR A 99 6.83 9.49 4.94
N TYR A 100 7.57 8.40 4.75
CA TYR A 100 7.44 7.54 3.55
C TYR A 100 6.02 6.95 3.54
N LEU A 101 5.48 6.55 4.70
CA LEU A 101 4.08 6.04 4.75
C LEU A 101 3.09 7.11 4.24
N CYS A 102 3.24 8.39 4.63
CA CYS A 102 2.41 9.51 4.14
C CYS A 102 2.52 9.61 2.62
N LEU A 103 3.74 9.57 2.08
CA LEU A 103 3.91 9.73 0.61
C LEU A 103 3.15 8.59 -0.07
N GLN A 104 3.25 7.35 0.43
CA GLN A 104 2.58 6.20 -0.20
C GLN A 104 1.07 6.44 -0.17
N LEU A 105 0.57 6.88 0.98
CA LEU A 105 -0.88 7.09 1.16
C LEU A 105 -1.38 8.22 0.28
N ARG A 106 -0.59 9.28 0.08
CA ARG A 106 -0.98 10.36 -0.85
C ARG A 106 -1.20 9.76 -2.24
N ASP A 107 -0.37 8.80 -2.67
CA ASP A 107 -0.53 8.16 -3.99
C ASP A 107 -1.74 7.23 -3.97
N ASP A 108 -1.92 6.51 -2.88
CA ASP A 108 -3.13 5.67 -2.67
C ASP A 108 -4.38 6.52 -2.90
N ILE A 109 -4.39 7.75 -2.39
CA ILE A 109 -5.58 8.62 -2.45
C ILE A 109 -5.73 9.16 -3.87
N VAL A 110 -4.69 9.76 -4.44
CA VAL A 110 -4.74 10.45 -5.76
C VAL A 110 -5.16 9.41 -6.81
N SER A 111 -4.70 8.17 -6.66
CA SER A 111 -4.90 7.05 -7.61
C SER A 111 -6.33 6.53 -7.53
N GLY A 112 -7.01 6.80 -6.41
CA GLY A 112 -8.34 6.25 -6.12
C GLY A 112 -8.30 4.87 -5.52
N ARG A 113 -7.13 4.27 -5.25
CA ARG A 113 -7.07 2.97 -4.52
C ARG A 113 -7.60 3.13 -3.08
N LEU A 114 -7.52 4.34 -2.52
CA LEU A 114 -7.98 4.57 -1.12
C LEU A 114 -9.11 5.59 -1.14
N PRO A 115 -10.38 5.16 -1.20
CA PRO A 115 -11.50 6.08 -1.32
C PRO A 115 -11.58 6.90 -0.03
N CYS A 116 -12.08 8.12 -0.15
N CYS A 116 -11.89 8.19 -0.19
CA CYS A 116 -12.03 9.14 0.91
CA CYS A 116 -12.03 9.20 0.88
C CYS A 116 -13.13 10.18 0.68
C CYS A 116 -13.29 10.04 0.64
N SER A 117 -13.87 10.55 1.72
CA SER A 117 -14.92 11.59 1.68
C SER A 117 -14.25 12.92 1.33
N PHE A 118 -15.05 13.86 0.87
CA PHE A 118 -14.64 15.25 0.59
C PHE A 118 -13.89 15.84 1.78
N VAL A 119 -14.50 15.77 2.97
CA VAL A 119 -13.92 16.38 4.19
C VAL A 119 -12.59 15.70 4.54
N THR A 120 -12.49 14.37 4.47
CA THR A 120 -11.21 13.69 4.73
C THR A 120 -10.17 14.04 3.66
N LEU A 121 -10.53 14.11 2.38
CA LEU A 121 -9.58 14.58 1.35
C LEU A 121 -9.01 15.96 1.74
N ALA A 122 -9.86 16.90 2.13
CA ALA A 122 -9.48 18.29 2.48
C ALA A 122 -8.61 18.28 3.75
N LEU A 123 -8.97 17.50 4.76
CA LEU A 123 -8.18 17.41 6.01
C LEU A 123 -6.78 16.82 5.75
N LEU A 124 -6.69 15.67 5.09
CA LEU A 124 -5.41 15.04 4.68
C LEU A 124 -4.59 16.04 3.85
N GLY A 125 -5.21 16.71 2.88
CA GLY A 125 -4.54 17.72 2.06
C GLY A 125 -3.95 18.82 2.95
N SER A 126 -4.76 19.33 3.89
CA SER A 126 -4.35 20.44 4.80
C SER A 126 -3.10 20.04 5.60
N TYR A 127 -3.01 18.78 6.04
CA TYR A 127 -1.83 18.31 6.82
C TYR A 127 -0.61 18.23 5.88
N THR A 128 -0.80 17.71 4.67
CA THR A 128 0.29 17.66 3.66
C THR A 128 0.81 19.08 3.41
N VAL A 129 -0.09 20.04 3.20
CA VAL A 129 0.36 21.44 2.94
C VAL A 129 1.14 21.94 4.16
N GLN A 130 0.60 21.78 5.38
CA GLN A 130 1.26 22.24 6.61
C GLN A 130 2.67 21.62 6.72
N SER A 131 2.77 20.31 6.51
N SER A 131 2.78 20.32 6.45
CA SER A 131 4.06 19.57 6.54
CA SER A 131 4.03 19.54 6.55
C SER A 131 5.03 20.18 5.52
C SER A 131 5.04 19.98 5.47
N GLU A 132 4.55 20.38 4.28
CA GLU A 132 5.46 20.76 3.16
C GLU A 132 5.71 22.26 3.04
N LEU A 133 4.76 23.12 3.33
CA LEU A 133 4.97 24.59 3.19
C LEU A 133 5.06 25.23 4.57
N GLY A 134 4.65 24.54 5.63
CA GLY A 134 4.54 25.22 6.93
C GLY A 134 3.30 26.08 7.04
N ASP A 135 3.36 27.13 7.86
CA ASP A 135 2.18 27.91 8.30
C ASP A 135 1.53 28.56 7.08
N TYR A 136 0.20 28.61 7.08
CA TYR A 136 -0.62 29.28 6.04
C TYR A 136 -0.07 30.69 5.81
N ASP A 137 0.11 31.04 4.54
CA ASP A 137 0.53 32.40 4.09
C ASP A 137 -0.44 32.91 3.04
N PRO A 138 -1.23 33.97 3.34
CA PRO A 138 -2.15 34.56 2.35
C PRO A 138 -1.42 35.08 1.10
N ASP A 139 -0.13 35.38 1.19
CA ASP A 139 0.68 35.93 0.06
C ASP A 139 0.65 34.98 -1.15
N GLU A 140 0.63 33.67 -0.91
CA GLU A 140 0.58 32.64 -1.99
C GLU A 140 -0.88 32.34 -2.38
N CYS A 141 -1.81 32.44 -1.42
CA CYS A 141 -3.21 31.96 -1.55
C CYS A 141 -4.20 33.14 -1.61
N GLY A 142 -4.60 33.53 -2.82
CA GLY A 142 -5.70 34.48 -3.08
C GLY A 142 -7.00 33.75 -3.27
N SER A 143 -8.09 34.44 -3.65
CA SER A 143 -9.43 33.83 -3.77
C SER A 143 -9.47 32.80 -4.93
N ASP A 144 -8.47 32.81 -5.83
CA ASP A 144 -8.43 31.90 -7.01
C ASP A 144 -7.33 30.83 -6.87
N TYR A 145 -6.83 30.53 -5.66
CA TYR A 145 -5.68 29.60 -5.45
C TYR A 145 -6.02 28.16 -5.84
N ILE A 146 -5.13 27.53 -6.60
CA ILE A 146 -5.08 26.04 -6.85
C ILE A 146 -3.66 25.53 -6.55
N SER A 147 -3.56 24.64 -5.56
CA SER A 147 -2.28 24.09 -5.04
C SER A 147 -1.60 23.27 -6.13
N GLU A 148 -0.27 23.17 -6.04
CA GLU A 148 0.52 22.26 -6.91
C GLU A 148 0.29 20.83 -6.44
N PHE A 149 -0.08 20.65 -5.16
CA PHE A 149 -0.24 19.33 -4.53
C PHE A 149 -1.49 18.71 -5.13
N ARG A 150 -1.33 17.45 -5.47
CA ARG A 150 -2.38 16.51 -5.88
C ARG A 150 -2.92 15.93 -4.58
N PHE A 151 -4.20 16.10 -4.36
CA PHE A 151 -4.96 15.77 -3.13
C PHE A 151 -5.99 14.68 -3.35
N ALA A 152 -6.43 14.42 -4.59
CA ALA A 152 -7.64 13.64 -4.83
C ALA A 152 -7.65 13.15 -6.27
N PRO A 153 -8.40 12.08 -6.54
CA PRO A 153 -8.54 11.56 -7.90
C PRO A 153 -9.18 12.61 -8.80
N ASN A 154 -10.08 13.44 -8.28
CA ASN A 154 -10.72 14.55 -9.03
C ASN A 154 -10.75 15.79 -8.15
N HIS A 155 -10.02 16.80 -8.59
CA HIS A 155 -9.86 18.11 -7.93
C HIS A 155 -11.01 19.04 -8.32
N THR A 156 -11.54 19.74 -7.33
CA THR A 156 -12.55 20.81 -7.53
C THR A 156 -12.07 22.07 -6.81
N LYS A 157 -12.56 23.21 -7.25
CA LYS A 157 -12.23 24.48 -6.57
C LYS A 157 -12.70 24.42 -5.11
N GLU A 158 -13.85 23.80 -4.86
CA GLU A 158 -14.41 23.70 -3.48
C GLU A 158 -13.46 22.86 -2.61
N LEU A 159 -12.80 21.84 -3.18
CA LEU A 159 -11.83 21.02 -2.40
C LEU A 159 -10.59 21.89 -2.10
N GLU A 160 -10.11 22.63 -3.08
CA GLU A 160 -8.95 23.52 -2.87
C GLU A 160 -9.26 24.54 -1.79
N ASP A 161 -10.49 25.05 -1.77
CA ASP A 161 -10.90 26.07 -0.77
C ASP A 161 -10.88 25.44 0.64
N LYS A 162 -11.38 24.22 0.76
CA LYS A 162 -11.51 23.56 2.08
C LYS A 162 -10.12 23.19 2.63
N VAL A 163 -9.21 22.76 1.78
CA VAL A 163 -7.78 22.54 2.17
C VAL A 163 -7.24 23.82 2.79
N ILE A 164 -7.47 24.97 2.18
CA ILE A 164 -6.93 26.26 2.68
C ILE A 164 -7.59 26.56 4.02
N GLU A 165 -8.92 26.42 4.09
CA GLU A 165 -9.65 26.73 5.33
C GLU A 165 -9.04 25.91 6.47
N LEU A 166 -8.78 24.62 6.25
CA LEU A 166 -8.25 23.77 7.34
C LEU A 166 -6.77 24.09 7.57
N HIS A 167 -6.04 24.39 6.51
CA HIS A 167 -4.60 24.74 6.62
C HIS A 167 -4.45 25.92 7.58
N LYS A 168 -5.36 26.89 7.50
CA LYS A 168 -5.27 28.06 8.41
C LYS A 168 -5.30 27.62 9.86
N SER A 169 -6.00 26.53 10.18
CA SER A 169 -6.22 26.13 11.59
C SER A 169 -4.93 25.47 12.13
N HIS A 170 -3.95 25.11 11.29
CA HIS A 170 -2.77 24.29 11.70
C HIS A 170 -1.53 25.14 12.04
N ARG A 171 -1.66 26.47 12.19
CA ARG A 171 -0.49 27.35 12.50
C ARG A 171 0.36 26.79 13.65
N GLY A 172 1.68 26.73 13.47
CA GLY A 172 2.68 26.31 14.46
C GLY A 172 2.89 24.79 14.46
N MET A 173 2.20 24.06 13.59
CA MET A 173 2.35 22.58 13.52
C MET A 173 3.65 22.27 12.78
N THR A 174 4.48 21.39 13.32
CA THR A 174 5.73 20.98 12.65
C THR A 174 5.43 19.89 11.63
N PRO A 175 6.37 19.61 10.69
CA PRO A 175 6.13 18.58 9.69
C PRO A 175 5.83 17.22 10.31
N ALA A 176 6.56 16.82 11.36
CA ALA A 176 6.37 15.51 12.04
C ALA A 176 4.97 15.44 12.66
N GLU A 177 4.52 16.54 13.25
CA GLU A 177 3.19 16.65 13.91
C GLU A 177 2.07 16.54 12.85
N ALA A 178 2.21 17.25 11.74
CA ALA A 178 1.22 17.24 10.63
C ALA A 178 1.16 15.83 9.99
N GLU A 179 2.31 15.19 9.79
CA GLU A 179 2.41 13.81 9.25
C GLU A 179 1.69 12.86 10.21
N MET A 180 1.86 13.03 11.52
CA MET A 180 1.20 12.11 12.47
C MET A 180 -0.32 12.33 12.40
N HIS A 181 -0.78 13.57 12.32
CA HIS A 181 -2.23 13.86 12.16
C HIS A 181 -2.75 13.26 10.84
N PHE A 182 -1.97 13.37 9.80
CA PHE A 182 -2.36 12.78 8.49
C PHE A 182 -2.66 11.29 8.73
N LEU A 183 -1.73 10.60 9.39
CA LEU A 183 -1.80 9.14 9.59
C LEU A 183 -2.94 8.75 10.53
N GLU A 184 -3.22 9.53 11.57
CA GLU A 184 -4.31 9.23 12.53
C GLU A 184 -5.65 9.23 11.78
N ASN A 185 -5.81 10.10 10.78
CA ASN A 185 -7.03 10.13 9.94
C ASN A 185 -6.98 9.00 8.88
N ALA A 186 -5.89 8.89 8.14
CA ALA A 186 -5.80 7.95 7.01
C ALA A 186 -6.05 6.51 7.50
N LYS A 187 -5.52 6.16 8.68
CA LYS A 187 -5.50 4.78 9.21
C LYS A 187 -6.93 4.31 9.49
N LYS A 188 -7.91 5.21 9.59
CA LYS A 188 -9.30 4.86 9.95
C LYS A 188 -10.15 4.57 8.71
N LEU A 189 -9.65 4.91 7.52
CA LEU A 189 -10.39 4.75 6.26
C LEU A 189 -10.63 3.25 6.04
N SER A 190 -11.81 2.91 5.57
CA SER A 190 -12.23 1.49 5.48
C SER A 190 -11.33 0.73 4.50
N MET A 191 -10.67 1.38 3.53
CA MET A 191 -9.76 0.65 2.59
C MET A 191 -8.28 0.90 2.91
N TYR A 192 -7.95 1.46 4.07
CA TYR A 192 -6.53 1.64 4.48
C TYR A 192 -5.79 0.31 4.49
N GLY A 193 -4.72 0.23 3.70
CA GLY A 193 -3.79 -0.92 3.68
C GLY A 193 -4.43 -2.18 3.11
N VAL A 194 -5.52 -2.04 2.34
CA VAL A 194 -6.26 -3.19 1.76
C VAL A 194 -5.72 -3.40 0.36
N ASP A 195 -5.12 -4.57 0.10
CA ASP A 195 -4.65 -4.99 -1.24
C ASP A 195 -5.80 -5.77 -1.90
N LEU A 196 -6.40 -5.24 -2.97
CA LEU A 196 -7.62 -5.80 -3.64
C LEU A 196 -7.24 -6.71 -4.80
N HIS A 197 -7.86 -7.88 -4.86
CA HIS A 197 -7.69 -8.87 -5.95
C HIS A 197 -9.05 -9.21 -6.54
N HIS A 198 -9.24 -9.03 -7.86
CA HIS A 198 -10.44 -9.52 -8.61
C HIS A 198 -10.53 -11.05 -8.53
N ALA A 199 -11.72 -11.58 -8.29
CA ALA A 199 -11.93 -13.05 -8.24
C ALA A 199 -13.38 -13.39 -8.49
N LYS A 200 -13.65 -14.68 -8.71
CA LYS A 200 -15.03 -15.23 -8.79
C LYS A 200 -15.20 -16.21 -7.64
N ASP A 201 -16.40 -16.24 -7.06
CA ASP A 201 -16.73 -17.20 -5.98
C ASP A 201 -17.02 -18.55 -6.66
N SER A 202 -17.33 -19.58 -5.87
CA SER A 202 -17.58 -20.97 -6.32
C SER A 202 -18.81 -21.06 -7.23
N GLU A 203 -19.63 -20.01 -7.32
CA GLU A 203 -20.82 -19.97 -8.20
C GLU A 203 -20.51 -19.14 -9.46
N GLY A 204 -19.29 -18.58 -9.60
CA GLY A 204 -18.88 -17.72 -10.72
C GLY A 204 -19.26 -16.25 -10.57
N VAL A 205 -19.73 -15.80 -9.40
CA VAL A 205 -20.13 -14.37 -9.18
C VAL A 205 -18.84 -13.58 -8.90
N GLU A 206 -18.66 -12.46 -9.60
CA GLU A 206 -17.49 -11.56 -9.50
C GLU A 206 -17.45 -10.93 -8.12
N ILE A 207 -16.35 -11.11 -7.41
CA ILE A 207 -16.11 -10.56 -6.07
C ILE A 207 -14.76 -9.86 -6.06
N MET A 208 -14.45 -9.18 -4.97
CA MET A 208 -13.07 -8.71 -4.67
C MET A 208 -12.66 -9.36 -3.37
N LEU A 209 -11.41 -9.79 -3.32
CA LEU A 209 -10.77 -10.24 -2.06
C LEU A 209 -9.78 -9.15 -1.62
N GLY A 210 -9.85 -8.75 -0.36
CA GLY A 210 -8.97 -7.70 0.15
C GLY A 210 -8.07 -8.36 1.16
N VAL A 211 -6.78 -8.01 1.15
CA VAL A 211 -5.75 -8.57 2.08
C VAL A 211 -5.22 -7.41 2.94
N CYS A 212 -5.44 -7.47 4.25
CA CYS A 212 -5.07 -6.40 5.20
C CYS A 212 -4.47 -7.01 6.47
N ALA A 213 -3.98 -6.15 7.37
CA ALA A 213 -3.33 -6.51 8.65
C ALA A 213 -4.21 -7.47 9.46
N SER A 214 -5.52 -7.21 9.51
CA SER A 214 -6.49 -7.91 10.39
C SER A 214 -6.79 -9.30 9.83
N GLY A 215 -7.01 -9.39 8.52
CA GLY A 215 -7.31 -10.68 7.88
C GLY A 215 -7.72 -10.53 6.43
N LEU A 216 -8.74 -11.29 6.04
CA LEU A 216 -9.23 -11.44 4.66
C LEU A 216 -10.63 -10.84 4.60
N LEU A 217 -10.92 -10.04 3.57
CA LEU A 217 -12.29 -9.56 3.27
C LEU A 217 -12.73 -10.15 1.92
N ILE A 218 -13.99 -10.56 1.83
CA ILE A 218 -14.68 -10.96 0.56
C ILE A 218 -15.78 -9.93 0.31
N TYR A 219 -15.52 -8.95 -0.57
CA TYR A 219 -16.51 -7.93 -1.01
C TYR A 219 -17.39 -8.57 -2.08
N ARG A 220 -18.64 -8.89 -1.72
CA ARG A 220 -19.64 -9.58 -2.59
C ARG A 220 -20.49 -8.52 -3.29
N ASP A 221 -21.44 -7.90 -2.58
CA ASP A 221 -22.44 -6.98 -3.16
C ASP A 221 -22.57 -5.69 -2.33
N ARG A 222 -21.73 -5.51 -1.31
CA ARG A 222 -21.67 -4.31 -0.42
C ARG A 222 -22.77 -4.39 0.65
N LEU A 223 -23.87 -5.12 0.39
CA LEU A 223 -24.88 -5.48 1.42
C LEU A 223 -24.37 -6.67 2.23
N ARG A 224 -23.37 -7.42 1.71
CA ARG A 224 -22.62 -8.43 2.49
C ARG A 224 -21.12 -8.37 2.15
N ILE A 225 -20.30 -8.14 3.17
CA ILE A 225 -18.82 -8.23 3.15
C ILE A 225 -18.42 -9.26 4.22
N ASN A 226 -17.86 -10.39 3.81
CA ASN A 226 -17.40 -11.47 4.73
C ASN A 226 -15.97 -11.11 5.18
N ARG A 227 -15.72 -11.19 6.48
CA ARG A 227 -14.42 -10.82 7.11
C ARG A 227 -13.90 -12.03 7.89
N PHE A 228 -12.69 -12.47 7.57
CA PHE A 228 -12.01 -13.60 8.25
C PHE A 228 -10.73 -13.07 8.90
N ALA A 229 -10.77 -12.85 10.23
CA ALA A 229 -9.59 -12.46 11.03
C ALA A 229 -8.51 -13.52 10.80
N TRP A 230 -7.24 -13.14 10.69
CA TRP A 230 -6.14 -14.10 10.46
C TRP A 230 -6.29 -15.31 11.39
N PRO A 231 -6.56 -15.16 12.70
CA PRO A 231 -6.71 -16.31 13.58
C PRO A 231 -7.71 -17.37 13.08
N LYS A 232 -8.81 -16.95 12.43
CA LYS A 232 -9.89 -17.82 11.91
C LYS A 232 -9.43 -18.55 10.65
N VAL A 233 -8.33 -18.12 10.02
CA VAL A 233 -7.81 -18.73 8.76
C VAL A 233 -6.80 -19.80 9.16
N LEU A 234 -7.10 -21.07 8.93
CA LEU A 234 -6.17 -22.16 9.35
C LEU A 234 -5.12 -22.41 8.27
N LYS A 235 -5.54 -22.39 6.99
CA LYS A 235 -4.66 -22.75 5.86
C LYS A 235 -5.13 -22.03 4.60
N ILE A 236 -4.14 -21.70 3.77
CA ILE A 236 -4.16 -20.92 2.49
C ILE A 236 -3.57 -21.84 1.42
N SER A 237 -4.13 -21.90 0.21
CA SER A 237 -3.50 -22.70 -0.87
C SER A 237 -3.98 -22.24 -2.25
N TYR A 238 -3.21 -22.55 -3.28
CA TYR A 238 -3.61 -22.31 -4.68
C TYR A 238 -3.35 -23.60 -5.47
N LYS A 239 -4.16 -23.80 -6.48
CA LYS A 239 -3.94 -24.93 -7.43
C LYS A 239 -4.59 -24.49 -8.73
N ARG A 240 -3.83 -24.49 -9.83
CA ARG A 240 -4.27 -24.02 -11.15
C ARG A 240 -4.70 -22.54 -11.00
N ASN A 241 -5.94 -22.20 -11.36
CA ASN A 241 -6.50 -20.82 -11.30
C ASN A 241 -7.26 -20.63 -10.00
N ASN A 242 -7.14 -21.55 -9.06
CA ASN A 242 -7.97 -21.52 -7.83
C ASN A 242 -7.14 -21.16 -6.59
N PHE A 243 -7.80 -20.40 -5.72
CA PHE A 243 -7.30 -19.97 -4.41
C PHE A 243 -8.28 -20.52 -3.38
N TYR A 244 -7.78 -21.21 -2.37
CA TYR A 244 -8.61 -21.86 -1.34
C TYR A 244 -8.24 -21.31 0.04
N ILE A 245 -9.25 -21.06 0.85
CA ILE A 245 -8.96 -20.79 2.28
C ILE A 245 -9.76 -21.78 3.12
N LYS A 246 -9.09 -22.29 4.15
CA LYS A 246 -9.62 -23.21 5.19
C LYS A 246 -10.02 -22.34 6.39
N ILE A 247 -11.30 -22.33 6.76
CA ILE A 247 -11.82 -21.51 7.92
C ILE A 247 -12.12 -22.45 9.11
N ARG A 248 -11.57 -22.13 10.27
CA ARG A 248 -11.68 -22.97 11.51
C ARG A 248 -13.15 -23.27 11.81
N PRO A 249 -13.42 -24.41 12.50
CA PRO A 249 -14.77 -24.72 12.93
C PRO A 249 -15.00 -23.71 14.07
N GLY A 250 -16.17 -23.08 14.14
CA GLY A 250 -16.62 -22.50 15.42
C GLY A 250 -16.53 -23.56 16.53
N GLU A 251 -16.29 -23.15 17.77
CA GLU A 251 -16.32 -24.04 18.96
C GLU A 251 -17.38 -25.14 18.75
N PHE A 252 -17.04 -26.40 19.03
CA PHE A 252 -17.99 -27.55 19.05
C PHE A 252 -18.33 -28.01 17.62
N GLU A 253 -17.75 -27.43 16.57
CA GLU A 253 -17.96 -27.97 15.19
C GLU A 253 -16.86 -29.00 14.93
N GLN A 254 -17.19 -30.04 14.17
CA GLN A 254 -16.27 -31.20 13.95
C GLN A 254 -15.19 -30.81 12.94
N PHE A 255 -15.53 -29.98 11.93
CA PHE A 255 -14.73 -29.79 10.68
C PHE A 255 -14.64 -28.32 10.23
N GLU A 256 -13.43 -27.91 9.86
CA GLU A 256 -13.15 -26.66 9.08
C GLU A 256 -14.05 -26.56 7.84
N SER A 257 -14.33 -25.34 7.35
CA SER A 257 -15.05 -25.09 6.07
C SER A 257 -14.01 -24.68 5.02
N THR A 258 -14.29 -24.92 3.74
CA THR A 258 -13.40 -24.50 2.62
C THR A 258 -14.19 -23.52 1.77
N ILE A 259 -13.55 -22.38 1.49
CA ILE A 259 -14.06 -21.39 0.51
C ILE A 259 -13.07 -21.36 -0.64
N GLY A 260 -13.60 -21.52 -1.84
CA GLY A 260 -12.79 -21.59 -3.06
C GLY A 260 -13.05 -20.37 -3.90
N PHE A 261 -11.99 -19.86 -4.53
CA PHE A 261 -12.15 -18.74 -5.49
C PHE A 261 -11.42 -19.07 -6.79
N LYS A 262 -11.97 -18.55 -7.87
CA LYS A 262 -11.43 -18.63 -9.25
C LYS A 262 -10.73 -17.32 -9.53
N LEU A 263 -9.42 -17.38 -9.77
CA LEU A 263 -8.65 -16.17 -10.17
C LEU A 263 -8.53 -16.16 -11.69
N PRO A 264 -8.28 -14.96 -12.27
CA PRO A 264 -8.13 -14.80 -13.72
C PRO A 264 -7.20 -15.84 -14.39
N ASN A 265 -6.10 -16.17 -13.74
CA ASN A 265 -5.08 -17.10 -14.30
C ASN A 265 -4.27 -17.64 -13.14
N HIS A 266 -3.39 -18.59 -13.41
CA HIS A 266 -2.56 -19.29 -12.40
C HIS A 266 -1.62 -18.31 -11.70
N ARG A 267 -1.10 -17.31 -12.43
CA ARG A 267 -0.13 -16.35 -11.82
C ARG A 267 -0.88 -15.47 -10.83
N ALA A 268 -2.11 -15.07 -11.15
CA ALA A 268 -2.92 -14.24 -10.23
C ALA A 268 -3.27 -15.05 -8.96
N ALA A 269 -3.51 -16.35 -9.07
CA ALA A 269 -3.77 -17.22 -7.90
C ALA A 269 -2.52 -17.29 -7.02
N LYS A 270 -1.34 -17.50 -7.60
CA LYS A 270 -0.08 -17.62 -6.80
C LYS A 270 0.20 -16.30 -6.08
N ARG A 271 0.05 -15.19 -6.79
CA ARG A 271 0.30 -13.81 -6.28
C ARG A 271 -0.61 -13.54 -5.07
N LEU A 272 -1.89 -13.90 -5.14
CA LEU A 272 -2.82 -13.69 -3.99
C LEU A 272 -2.36 -14.56 -2.81
N TRP A 273 -2.07 -15.84 -3.08
CA TRP A 273 -1.56 -16.80 -2.08
C TRP A 273 -0.33 -16.19 -1.37
N LYS A 274 0.63 -15.66 -2.11
CA LYS A 274 1.92 -15.23 -1.50
C LYS A 274 1.67 -13.98 -0.63
N VAL A 275 0.85 -13.05 -1.11
CA VAL A 275 0.54 -11.82 -0.32
C VAL A 275 -0.23 -12.20 0.95
N CYS A 276 -1.13 -13.18 0.92
CA CYS A 276 -1.86 -13.65 2.12
C CYS A 276 -0.89 -14.27 3.14
N VAL A 277 -0.01 -15.18 2.68
CA VAL A 277 1.02 -15.82 3.55
C VAL A 277 1.85 -14.74 4.20
N GLU A 278 2.32 -13.75 3.42
CA GLU A 278 3.21 -12.68 3.95
C GLU A 278 2.47 -11.82 4.97
N HIS A 279 1.23 -11.42 4.67
CA HIS A 279 0.38 -10.63 5.61
C HIS A 279 0.15 -11.48 6.86
N HIS A 280 -0.17 -12.76 6.71
CA HIS A 280 -0.49 -13.64 7.87
C HIS A 280 0.72 -13.70 8.80
N THR A 281 1.91 -13.89 8.23
CA THR A 281 3.19 -14.00 8.99
C THR A 281 3.47 -12.66 9.68
N PHE A 282 3.42 -11.59 8.91
CA PHE A 282 3.78 -10.24 9.40
C PHE A 282 2.84 -9.88 10.54
N PHE A 283 1.55 -10.06 10.36
CA PHE A 283 0.56 -9.47 11.31
C PHE A 283 0.26 -10.46 12.45
N ARG A 284 0.75 -11.70 12.35
CA ARG A 284 0.88 -12.66 13.49
C ARG A 284 2.00 -12.23 14.45
N LEU A 285 3.07 -11.59 13.95
CA LEU A 285 4.27 -11.23 14.74
C LEU A 285 4.15 -9.82 15.33
N LEU A 286 3.69 -8.85 14.52
CA LEU A 286 3.74 -7.40 14.82
C LEU A 286 3.17 -7.16 16.21
#